data_8CET
#
_entry.id   8CET
#
_cell.length_a   51.936
_cell.length_b   84.133
_cell.length_c   154.250
_cell.angle_alpha   90.000
_cell.angle_beta   90.000
_cell.angle_gamma   90.000
#
_symmetry.space_group_name_H-M   'P 21 21 21'
#
loop_
_entity.id
_entity.type
_entity.pdbx_description
1 polymer "Cap-specific mRNA (nucleoside-2'-O-)-methyltransferase"
2 non-polymer '(2~{S})-2-azanyl-4-[[(2~{S},3~{S},4~{R},5~{R})-5-[4-azanyl-5-(2-quinolin-3-ylethynyl)pyrrolo[2,3-d]pyrimidin-7-yl]-3,4-bis(oxidanyl)oxolan-2-yl]methylsulfanyl]butanoic acid'
3 water water
#
_entity_poly.entity_id   1
_entity_poly.type   'polypeptide(L)'
_entity_poly.pdbx_seq_one_letter_code
;MDVVSLDKPFMYFEEIDNELDYEPESANEVAKKLPYQGQLKLLLGELFFLSKLQRHGILDGATVVYIGSAPGTHIRYLRD
HFYNLGVIIKWMLIDGRHHDPILNGLRDVTLVTRFVDEEYLRSIKKQLHPSKIILISDVRSKRGGNEPSTADLLSNYALQ
NVMISILNPVASSLKWRCPFPDQWIKDFYIPHGNKMLQPFAPSYSAEMRLLSIYTGENMRLTRVTKSDAVNYEKKMYYLN
KIVRNKVVINFDYPNQEYDYFHMYFMLRTVYCNKTFPTTKAKILFLQQSIFRFLNIPTTSTEKVSHE
;
_entity_poly.pdbx_strand_id   A,B
#
loop_
_chem_comp.id
_chem_comp.type
_chem_comp.name
_chem_comp.formula
UGR non-polymer '(2~{S})-2-azanyl-4-[[(2~{S},3~{S},4~{R},5~{R})-5-[4-azanyl-5-(2-quinolin-3-ylethynyl)pyrrolo[2,3-d]pyrimidin-7-yl]-3,4-bis(oxidanyl)oxolan-2-yl]methylsulfanyl]butanoic acid' 'C26 H26 N6 O5 S'
#
# COMPACT_ATOMS: atom_id res chain seq x y z
N MET A 1 -1.31 -24.83 36.38
CA MET A 1 -1.48 -25.07 34.91
C MET A 1 -2.03 -26.48 34.67
N ASP A 2 -3.23 -26.56 34.08
CA ASP A 2 -3.83 -27.85 33.79
C ASP A 2 -2.89 -28.71 32.97
N VAL A 3 -2.82 -29.99 33.30
CA VAL A 3 -1.88 -30.90 32.63
C VAL A 3 -2.50 -31.39 31.33
N VAL A 4 -1.64 -31.68 30.35
CA VAL A 4 -2.05 -32.13 29.04
C VAL A 4 -0.94 -32.99 28.46
N SER A 5 -1.33 -33.88 27.55
CA SER A 5 -0.40 -34.82 26.91
C SER A 5 -0.43 -34.55 25.40
N LEU A 6 0.68 -34.08 24.85
CA LEU A 6 0.75 -33.67 23.46
C LEU A 6 1.89 -34.39 22.74
N ASP A 7 1.71 -34.58 21.43
CA ASP A 7 2.77 -35.08 20.57
C ASP A 7 3.55 -33.96 19.91
N LYS A 8 2.96 -32.79 19.75
CA LYS A 8 3.58 -31.68 19.03
C LYS A 8 2.79 -30.40 19.32
N PRO A 9 3.43 -29.24 19.37
CA PRO A 9 2.71 -28.00 19.58
C PRO A 9 2.10 -27.48 18.29
N PHE A 10 1.26 -26.47 18.43
CA PHE A 10 0.76 -25.72 17.28
C PHE A 10 1.88 -24.84 16.75
N MET A 11 2.34 -25.13 15.54
CA MET A 11 3.42 -24.36 14.92
C MET A 11 2.90 -23.23 14.04
N TYR A 12 1.70 -23.37 13.48
CA TYR A 12 1.15 -22.36 12.60
C TYR A 12 -0.31 -22.11 12.95
N PHE A 13 -0.75 -20.88 12.67
CA PHE A 13 -2.11 -20.49 13.07
C PHE A 13 -3.15 -21.48 12.58
N GLU A 14 -2.96 -21.98 11.35
CA GLU A 14 -3.94 -22.89 10.76
C GLU A 14 -4.18 -24.13 11.62
N GLU A 15 -3.25 -24.46 12.52
CA GLU A 15 -3.35 -25.68 13.31
C GLU A 15 -4.20 -25.53 14.57
N ILE A 16 -4.49 -24.31 15.01
CA ILE A 16 -5.35 -24.14 16.16
C ILE A 16 -6.72 -24.73 15.86
N ASP A 17 -7.21 -25.60 16.75
CA ASP A 17 -8.38 -26.42 16.47
C ASP A 17 -9.55 -26.11 17.38
N ASN A 18 -9.55 -24.95 18.04
CA ASN A 18 -10.66 -24.57 18.91
C ASN A 18 -10.59 -23.07 19.12
N GLU A 19 -11.68 -22.51 19.64
CA GLU A 19 -11.76 -21.06 19.82
C GLU A 19 -12.50 -20.74 21.11
N LEU A 20 -12.32 -19.50 21.56
CA LEU A 20 -12.86 -19.05 22.84
C LEU A 20 -13.15 -17.57 22.77
N ASP A 21 -14.27 -17.17 23.40
CA ASP A 21 -14.68 -15.77 23.38
C ASP A 21 -13.69 -14.91 24.13
N TYR A 22 -13.05 -13.98 23.42
CA TYR A 22 -12.07 -13.10 24.04
C TYR A 22 -12.68 -12.28 25.16
N GLU A 23 -11.87 -12.00 26.18
CA GLU A 23 -12.33 -11.21 27.32
C GLU A 23 -11.23 -10.28 27.84
N LEU A 34 8.92 -13.00 31.82
CA LEU A 34 10.36 -13.20 31.71
C LEU A 34 11.09 -11.88 31.44
N PRO A 35 12.37 -11.81 31.81
CA PRO A 35 13.16 -10.61 31.51
C PRO A 35 13.54 -10.55 30.04
N TYR A 36 13.22 -9.42 29.40
CA TYR A 36 13.44 -9.20 27.98
C TYR A 36 12.87 -10.35 27.15
N GLN A 37 11.60 -10.66 27.42
CA GLN A 37 10.90 -11.72 26.70
C GLN A 37 10.72 -11.37 25.23
N GLY A 38 10.75 -10.09 24.88
CA GLY A 38 10.54 -9.71 23.49
C GLY A 38 11.70 -10.12 22.59
N GLN A 39 12.93 -9.95 23.07
CA GLN A 39 14.08 -10.36 22.27
C GLN A 39 14.13 -11.87 22.12
N LEU A 40 13.66 -12.61 23.13
CA LEU A 40 13.59 -14.06 23.01
C LEU A 40 12.55 -14.47 21.97
N LYS A 41 11.40 -13.81 21.96
CA LYS A 41 10.37 -14.12 20.97
C LYS A 41 10.90 -13.88 19.55
N LEU A 42 11.49 -12.71 19.32
CA LEU A 42 12.03 -12.41 17.99
C LEU A 42 13.15 -13.37 17.62
N LEU A 43 14.03 -13.67 18.59
CA LEU A 43 15.18 -14.51 18.28
C LEU A 43 14.72 -15.90 17.83
N LEU A 44 13.75 -16.49 18.53
CA LEU A 44 13.32 -17.84 18.21
C LEU A 44 12.65 -17.89 16.83
N GLY A 45 11.75 -16.94 16.56
CA GLY A 45 11.04 -16.94 15.28
C GLY A 45 11.94 -16.67 14.10
N GLU A 46 13.00 -15.87 14.29
CA GLU A 46 13.94 -15.59 13.21
C GLU A 46 14.98 -16.69 13.09
N LEU A 47 15.31 -17.37 14.20
CA LEU A 47 16.09 -18.59 14.10
C LEU A 47 15.32 -19.69 13.38
N PHE A 48 14.01 -19.75 13.63
CA PHE A 48 13.15 -20.72 12.95
C PHE A 48 13.05 -20.41 11.47
N PHE A 49 12.69 -19.16 11.14
CA PHE A 49 12.57 -18.74 9.75
C PHE A 49 13.86 -18.98 8.97
N LEU A 50 14.98 -18.48 9.49
CA LEU A 50 16.23 -18.58 8.74
C LEU A 50 16.75 -20.01 8.70
N SER A 51 16.48 -20.81 9.73
CA SER A 51 16.89 -22.21 9.69
C SER A 51 16.09 -22.98 8.65
N LYS A 52 14.80 -22.67 8.52
CA LYS A 52 14.03 -23.26 7.42
C LYS A 52 14.64 -22.91 6.08
N LEU A 53 15.03 -21.65 5.90
CA LEU A 53 15.69 -21.24 4.66
C LEU A 53 17.00 -21.99 4.47
N GLN A 54 17.73 -22.22 5.56
CA GLN A 54 18.98 -22.97 5.46
C GLN A 54 18.72 -24.40 5.03
N ARG A 55 17.61 -25.00 5.51
CA ARG A 55 17.27 -26.35 5.09
C ARG A 55 16.95 -26.40 3.61
N HIS A 56 16.37 -25.34 3.05
CA HIS A 56 16.11 -25.27 1.63
C HIS A 56 17.31 -24.80 0.83
N GLY A 57 18.46 -24.61 1.48
CA GLY A 57 19.67 -24.26 0.78
C GLY A 57 19.65 -22.90 0.10
N ILE A 58 18.81 -21.99 0.55
CA ILE A 58 18.70 -20.66 -0.05
C ILE A 58 19.13 -19.56 0.89
N LEU A 59 19.51 -19.91 2.11
CA LEU A 59 20.00 -18.90 3.06
C LEU A 59 21.39 -18.36 2.74
N ASP A 60 22.12 -19.17 1.94
CA ASP A 60 23.56 -19.09 1.84
C ASP A 60 23.93 -18.29 0.61
N GLY A 61 24.81 -17.28 0.81
CA GLY A 61 25.03 -16.29 -0.23
C GLY A 61 23.95 -15.24 -0.31
N ALA A 62 22.98 -15.24 0.60
CA ALA A 62 21.92 -14.26 0.60
C ALA A 62 22.31 -13.06 1.45
N THR A 63 21.49 -12.01 1.36
CA THR A 63 21.64 -10.81 2.18
C THR A 63 20.35 -10.62 2.97
N VAL A 64 20.45 -10.63 4.29
CA VAL A 64 19.29 -10.38 5.13
C VAL A 64 19.11 -8.87 5.30
N VAL A 65 18.01 -8.35 4.79
CA VAL A 65 17.64 -6.95 4.97
C VAL A 65 16.57 -6.92 6.06
N TYR A 66 16.95 -6.45 7.24
CA TYR A 66 16.07 -6.39 8.40
C TYR A 66 15.64 -4.94 8.60
N ILE A 67 14.35 -4.67 8.41
CA ILE A 67 13.80 -3.33 8.49
C ILE A 67 12.98 -3.23 9.78
N GLY A 68 13.19 -2.15 10.52
CA GLY A 68 12.64 -2.07 11.86
C GLY A 68 13.43 -2.94 12.82
N SER A 69 14.75 -2.90 12.73
CA SER A 69 15.63 -3.82 13.44
C SER A 69 16.17 -3.27 14.76
N ALA A 70 15.86 -2.01 15.10
CA ALA A 70 16.43 -1.46 16.32
C ALA A 70 15.50 -1.70 17.51
N PRO A 71 16.07 -1.92 18.71
CA PRO A 71 17.50 -1.97 19.05
C PRO A 71 18.17 -3.25 18.53
N GLY A 72 17.41 -4.34 18.43
CA GLY A 72 17.91 -5.55 17.80
C GLY A 72 19.03 -6.25 18.52
N THR A 73 19.00 -6.26 19.85
CA THR A 73 20.03 -6.98 20.60
C THR A 73 20.15 -8.42 20.13
N HIS A 74 19.02 -9.08 19.94
CA HIS A 74 19.02 -10.50 19.59
C HIS A 74 19.66 -10.76 18.23
N ILE A 75 19.73 -9.75 17.36
CA ILE A 75 20.28 -9.97 16.04
C ILE A 75 21.74 -10.40 16.14
N ARG A 76 22.45 -9.95 17.16
CA ARG A 76 23.84 -10.36 17.33
C ARG A 76 23.95 -11.87 17.47
N TYR A 77 23.05 -12.47 18.25
CA TYR A 77 23.05 -13.93 18.37
C TYR A 77 22.75 -14.59 17.03
N LEU A 78 21.80 -14.04 16.28
CA LEU A 78 21.46 -14.61 14.99
C LEU A 78 22.67 -14.64 14.07
N ARG A 79 23.40 -13.53 13.99
CA ARG A 79 24.59 -13.54 13.15
C ARG A 79 25.59 -14.57 13.63
N ASP A 80 26.10 -14.40 14.86
CA ASP A 80 27.14 -15.29 15.35
C ASP A 80 26.78 -16.74 15.11
N HIS A 81 25.50 -17.09 15.26
CA HIS A 81 25.06 -18.45 15.01
C HIS A 81 25.41 -18.87 13.58
N PHE A 82 24.95 -18.11 12.59
CA PHE A 82 25.19 -18.49 11.20
C PHE A 82 26.63 -18.23 10.77
N TYR A 83 27.29 -17.25 11.39
CA TYR A 83 28.71 -17.05 11.08
C TYR A 83 29.54 -18.23 11.56
N ASN A 84 29.20 -18.79 12.72
CA ASN A 84 29.95 -19.93 13.25
C ASN A 84 29.59 -21.24 12.54
N LEU A 85 28.47 -21.27 11.82
CA LEU A 85 28.15 -22.39 10.96
C LEU A 85 28.80 -22.28 9.59
N GLY A 86 29.51 -21.17 9.31
CA GLY A 86 30.12 -20.98 8.02
C GLY A 86 29.16 -20.60 6.92
N VAL A 87 27.93 -20.23 7.25
CA VAL A 87 26.98 -19.77 6.25
C VAL A 87 27.29 -18.32 5.91
N ILE A 88 27.45 -18.04 4.62
CA ILE A 88 27.87 -16.72 4.16
C ILE A 88 26.63 -15.83 4.05
N ILE A 89 26.52 -14.87 4.97
CA ILE A 89 25.38 -13.99 5.04
C ILE A 89 25.87 -12.57 5.27
N LYS A 90 25.31 -11.62 4.53
CA LYS A 90 25.46 -10.20 4.82
C LYS A 90 24.17 -9.71 5.46
N TRP A 91 24.31 -8.85 6.46
CA TRP A 91 23.17 -8.29 7.18
C TRP A 91 23.08 -6.80 6.89
N MET A 92 21.87 -6.32 6.62
CA MET A 92 21.60 -4.89 6.45
C MET A 92 20.46 -4.54 7.39
N LEU A 93 20.77 -3.80 8.44
CA LEU A 93 19.80 -3.47 9.50
C LEU A 93 19.44 -2.00 9.38
N ILE A 94 18.18 -1.72 9.06
CA ILE A 94 17.72 -0.38 8.71
C ILE A 94 16.62 0.01 9.69
N ASP A 95 16.83 1.11 10.41
CA ASP A 95 15.84 1.58 11.36
C ASP A 95 16.14 3.05 11.66
N GLY A 96 15.09 3.83 11.89
CA GLY A 96 15.26 5.22 12.24
C GLY A 96 15.88 5.40 13.62
N ARG A 97 15.65 4.43 14.51
CA ARG A 97 16.25 4.45 15.83
C ARG A 97 17.63 3.80 15.79
N HIS A 98 18.44 4.11 16.79
CA HIS A 98 19.79 3.57 16.88
C HIS A 98 19.73 2.13 17.38
N HIS A 99 20.63 1.30 16.84
CA HIS A 99 20.66 -0.11 17.20
C HIS A 99 21.42 -0.31 18.51
N ASP A 100 21.28 -1.52 19.05
CA ASP A 100 22.03 -1.89 20.24
C ASP A 100 23.53 -1.85 19.95
N PRO A 101 24.33 -1.18 20.75
CA PRO A 101 25.78 -1.10 20.45
C PRO A 101 26.45 -2.46 20.37
N ILE A 102 25.81 -3.52 20.88
CA ILE A 102 26.38 -4.86 20.76
C ILE A 102 26.50 -5.30 19.31
N LEU A 103 25.82 -4.62 18.39
CA LEU A 103 25.92 -4.89 16.97
C LEU A 103 27.06 -4.13 16.31
N ASN A 104 27.92 -3.48 17.08
CA ASN A 104 28.99 -2.69 16.50
C ASN A 104 30.19 -3.57 16.18
N GLY A 105 31.00 -3.10 15.23
CA GLY A 105 32.26 -3.75 14.92
C GLY A 105 32.16 -5.06 14.18
N LEU A 106 31.06 -5.32 13.49
CA LEU A 106 30.88 -6.53 12.72
C LEU A 106 30.94 -6.16 11.24
N ARG A 107 31.95 -6.68 10.54
CA ARG A 107 32.16 -6.28 9.15
C ARG A 107 31.03 -6.74 8.24
N ASP A 108 30.39 -7.85 8.57
CA ASP A 108 29.31 -8.38 7.75
C ASP A 108 27.94 -7.84 8.15
N VAL A 109 27.88 -6.91 9.09
CA VAL A 109 26.64 -6.29 9.52
C VAL A 109 26.70 -4.81 9.21
N THR A 110 25.79 -4.34 8.38
CA THR A 110 25.69 -2.93 8.02
C THR A 110 24.55 -2.29 8.78
N LEU A 111 24.86 -1.26 9.57
CA LEU A 111 23.89 -0.56 10.39
C LEU A 111 23.49 0.73 9.67
N VAL A 112 22.20 0.87 9.37
CA VAL A 112 21.67 2.00 8.62
C VAL A 112 20.62 2.69 9.47
N THR A 113 20.85 3.97 9.77
CA THR A 113 19.92 4.77 10.57
C THR A 113 19.04 5.55 9.62
N ARG A 114 17.85 5.02 9.33
CA ARG A 114 16.97 5.66 8.38
C ARG A 114 15.61 5.00 8.41
N PHE A 115 14.56 5.82 8.33
CA PHE A 115 13.21 5.31 8.11
C PHE A 115 13.01 5.07 6.62
N VAL A 116 12.55 3.88 6.27
CA VAL A 116 12.47 3.48 4.88
C VAL A 116 11.17 3.99 4.29
N ASP A 117 11.25 4.41 3.03
CA ASP A 117 10.08 4.74 2.23
C ASP A 117 10.26 4.08 0.87
N GLU A 118 9.29 4.30 -0.02
CA GLU A 118 9.37 3.69 -1.34
C GLU A 118 10.67 4.08 -2.05
N GLU A 119 11.00 5.37 -2.04
CA GLU A 119 12.18 5.83 -2.76
C GLU A 119 13.45 5.15 -2.25
N TYR A 120 13.54 4.95 -0.94
CA TYR A 120 14.76 4.37 -0.38
C TYR A 120 14.82 2.86 -0.55
N LEU A 121 13.67 2.19 -0.62
CA LEU A 121 13.66 0.78 -0.96
C LEU A 121 14.14 0.56 -2.40
N ARG A 122 13.80 1.50 -3.29
CA ARG A 122 14.30 1.40 -4.66
C ARG A 122 15.81 1.45 -4.70
N SER A 123 16.42 2.33 -3.90
CA SER A 123 17.86 2.51 -3.97
C SER A 123 18.61 1.34 -3.35
N ILE A 124 18.07 0.73 -2.29
CA ILE A 124 18.79 -0.41 -1.72
C ILE A 124 18.64 -1.64 -2.60
N LYS A 125 17.50 -1.78 -3.29
CA LYS A 125 17.38 -2.85 -4.28
C LYS A 125 18.42 -2.68 -5.40
N LYS A 126 18.61 -1.44 -5.86
CA LYS A 126 19.60 -1.19 -6.90
C LYS A 126 20.99 -1.65 -6.46
N GLN A 127 21.38 -1.29 -5.22
CA GLN A 127 22.74 -1.57 -4.76
C GLN A 127 22.95 -3.03 -4.37
N LEU A 128 21.89 -3.76 -4.03
CA LEU A 128 22.02 -5.17 -3.69
C LEU A 128 21.79 -6.09 -4.88
N HIS A 129 21.00 -5.64 -5.86
CA HIS A 129 20.75 -6.45 -7.04
C HIS A 129 22.06 -6.82 -7.73
N PRO A 130 22.19 -8.07 -8.24
CA PRO A 130 21.20 -9.15 -8.28
C PRO A 130 21.38 -10.20 -7.19
N SER A 131 21.80 -9.81 -5.99
CA SER A 131 22.01 -10.77 -4.92
C SER A 131 20.70 -11.12 -4.22
N LYS A 132 20.61 -12.37 -3.79
CA LYS A 132 19.41 -12.84 -3.08
C LYS A 132 19.14 -11.97 -1.86
N ILE A 133 17.89 -11.52 -1.74
CA ILE A 133 17.45 -10.72 -0.60
C ILE A 133 16.51 -11.56 0.23
N ILE A 134 16.73 -11.56 1.54
CA ILE A 134 15.80 -12.14 2.51
C ILE A 134 15.30 -11.00 3.38
N LEU A 135 13.99 -10.82 3.42
CA LEU A 135 13.38 -9.70 4.13
C LEU A 135 12.87 -10.15 5.49
N ILE A 136 13.28 -9.43 6.52
CA ILE A 136 12.68 -9.52 7.85
C ILE A 136 12.21 -8.13 8.21
N SER A 137 10.90 -7.96 8.39
CA SER A 137 10.31 -6.70 8.79
C SER A 137 9.67 -6.85 10.16
N ASP A 138 9.92 -5.87 11.03
CA ASP A 138 9.29 -5.78 12.34
C ASP A 138 8.87 -4.33 12.62
N VAL A 139 8.52 -3.59 11.56
CA VAL A 139 8.25 -2.17 11.71
C VAL A 139 6.93 -1.97 12.43
N ARG A 140 6.85 -0.95 13.28
CA ARG A 140 5.61 -0.60 13.96
C ARG A 140 5.59 0.88 14.24
N SER A 141 4.46 1.51 13.95
CA SER A 141 4.28 2.94 14.17
C SER A 141 3.45 3.18 15.43
N GLU A 147 -0.70 2.41 22.18
CA GLU A 147 -1.09 1.28 21.34
C GLU A 147 -1.39 1.73 19.90
N PRO A 148 -1.14 0.87 18.93
CA PRO A 148 -1.36 1.24 17.54
C PRO A 148 -2.81 1.14 17.13
N SER A 149 -3.21 2.03 16.23
CA SER A 149 -4.55 2.03 15.69
C SER A 149 -4.63 1.11 14.46
N THR A 150 -5.85 0.91 13.97
CA THR A 150 -6.02 0.10 12.77
C THR A 150 -5.44 0.79 11.55
N ALA A 151 -5.50 2.13 11.51
CA ALA A 151 -4.85 2.86 10.42
C ALA A 151 -3.34 2.72 10.49
N ASP A 152 -2.78 2.71 11.70
CA ASP A 152 -1.35 2.48 11.85
C ASP A 152 -0.97 1.11 11.29
N LEU A 153 -1.78 0.09 11.59
CA LEU A 153 -1.49 -1.25 11.08
C LEU A 153 -1.63 -1.30 9.57
N LEU A 154 -2.71 -0.75 9.03
CA LEU A 154 -2.94 -0.80 7.59
C LEU A 154 -1.79 -0.13 6.84
N SER A 155 -1.30 1.00 7.35
CA SER A 155 -0.13 1.62 6.75
C SER A 155 1.10 0.73 6.89
N ASN A 156 1.29 0.14 8.08
CA ASN A 156 2.42 -0.76 8.27
C ASN A 156 2.38 -1.92 7.28
N TYR A 157 1.21 -2.53 7.11
CA TYR A 157 1.10 -3.65 6.19
C TYR A 157 1.21 -3.21 4.74
N ALA A 158 0.69 -2.02 4.40
CA ALA A 158 0.92 -1.48 3.08
C ALA A 158 2.42 -1.32 2.81
N LEU A 159 3.15 -0.76 3.78
CA LEU A 159 4.59 -0.58 3.62
C LEU A 159 5.29 -1.92 3.45
N GLN A 160 4.79 -2.97 4.12
CA GLN A 160 5.43 -4.28 4.01
C GLN A 160 5.16 -4.92 2.66
N ASN A 161 3.96 -4.74 2.10
CA ASN A 161 3.72 -5.14 0.73
C ASN A 161 4.66 -4.39 -0.22
N VAL A 162 4.88 -3.11 0.05
CA VAL A 162 5.77 -2.32 -0.79
C VAL A 162 7.20 -2.83 -0.68
N MET A 163 7.61 -3.24 0.52
CA MET A 163 8.92 -3.86 0.67
C MET A 163 9.07 -5.05 -0.27
N ILE A 164 8.01 -5.87 -0.38
CA ILE A 164 8.11 -7.11 -1.14
C ILE A 164 8.04 -6.82 -2.64
N SER A 165 7.20 -5.89 -3.05
CA SER A 165 7.08 -5.60 -4.48
C SER A 165 8.34 -4.96 -5.03
N ILE A 166 9.09 -4.24 -4.21
CA ILE A 166 10.30 -3.57 -4.66
C ILE A 166 11.51 -4.47 -4.43
N LEU A 167 11.73 -4.87 -3.18
CA LEU A 167 12.90 -5.67 -2.87
C LEU A 167 12.83 -7.07 -3.49
N ASN A 168 11.62 -7.58 -3.73
CA ASN A 168 11.43 -8.87 -4.36
C ASN A 168 12.30 -9.94 -3.69
N PRO A 169 12.15 -10.12 -2.39
CA PRO A 169 13.02 -11.07 -1.68
C PRO A 169 12.68 -12.51 -2.04
N VAL A 170 13.69 -13.37 -1.95
CA VAL A 170 13.45 -14.80 -2.18
C VAL A 170 12.63 -15.40 -1.05
N ALA A 171 12.58 -14.74 0.09
CA ALA A 171 11.74 -15.16 1.21
C ALA A 171 11.54 -13.94 2.11
N SER A 172 10.51 -13.99 2.95
CA SER A 172 10.24 -12.88 3.84
C SER A 172 9.59 -13.37 5.12
N SER A 173 9.89 -12.67 6.21
CA SER A 173 9.16 -12.80 7.47
C SER A 173 8.62 -11.44 7.83
N LEU A 174 7.29 -11.35 7.96
CA LEU A 174 6.62 -10.08 8.19
C LEU A 174 5.81 -10.11 9.48
N LYS A 175 5.93 -9.03 10.25
CA LYS A 175 5.06 -8.82 11.40
C LYS A 175 3.61 -8.82 10.94
N TRP A 176 2.78 -9.66 11.58
CA TRP A 176 1.40 -9.85 11.16
C TRP A 176 0.51 -10.05 12.37
N ARG A 177 -0.27 -9.01 12.69
CA ARG A 177 -1.34 -9.10 13.66
C ARG A 177 -2.58 -8.46 13.03
N CYS A 178 -3.64 -9.24 12.91
CA CYS A 178 -4.84 -8.73 12.25
C CYS A 178 -5.47 -7.64 13.12
N PRO A 179 -6.03 -6.60 12.49
CA PRO A 179 -6.77 -5.60 13.28
C PRO A 179 -7.94 -6.24 13.98
N PHE A 180 -8.23 -5.75 15.19
CA PHE A 180 -9.32 -6.31 15.97
C PHE A 180 -10.65 -6.08 15.24
N PRO A 181 -11.60 -7.02 15.33
CA PRO A 181 -12.86 -6.85 14.57
C PRO A 181 -13.65 -5.63 15.01
N ASP A 182 -13.59 -5.23 16.27
CA ASP A 182 -14.29 -4.06 16.74
C ASP A 182 -13.57 -2.75 16.42
N GLN A 183 -12.46 -2.82 15.68
CA GLN A 183 -11.78 -1.62 15.19
C GLN A 183 -11.56 -1.70 13.67
N TRP A 184 -12.35 -2.52 12.98
CA TRP A 184 -12.21 -2.71 11.54
C TRP A 184 -12.42 -1.39 10.81
N ILE A 185 -11.81 -1.31 9.63
CA ILE A 185 -11.92 -0.11 8.78
C ILE A 185 -12.28 -0.54 7.36
N LYS A 186 -11.42 -1.37 6.77
CA LYS A 186 -11.64 -1.84 5.41
C LYS A 186 -10.91 -3.16 5.26
N ASP A 187 -11.33 -3.93 4.26
CA ASP A 187 -10.55 -5.11 3.88
C ASP A 187 -9.22 -4.68 3.25
N PHE A 188 -8.18 -5.47 3.49
CA PHE A 188 -6.84 -5.18 3.01
C PHE A 188 -6.21 -6.47 2.53
N TYR A 189 -5.02 -6.35 1.95
CA TYR A 189 -4.35 -7.48 1.31
C TYR A 189 -2.97 -7.72 1.91
N ILE A 190 -2.65 -8.99 2.13
CA ILE A 190 -1.34 -9.38 2.65
C ILE A 190 -0.81 -10.53 1.79
N PRO A 191 0.51 -10.74 1.78
CA PRO A 191 1.07 -11.82 0.97
C PRO A 191 0.59 -13.19 1.44
N HIS A 192 0.64 -14.15 0.52
CA HIS A 192 0.49 -15.55 0.89
C HIS A 192 1.68 -15.98 1.73
N GLY A 193 1.46 -16.98 2.57
CA GLY A 193 2.52 -17.49 3.43
C GLY A 193 1.95 -18.23 4.61
N ASN A 194 2.86 -18.80 5.40
CA ASN A 194 2.51 -19.57 6.60
C ASN A 194 2.64 -18.68 7.83
N LYS A 195 1.60 -18.69 8.66
CA LYS A 195 1.51 -17.76 9.79
C LYS A 195 2.11 -18.45 11.01
N MET A 196 3.39 -18.19 11.24
CA MET A 196 4.12 -18.84 12.32
C MET A 196 3.68 -18.30 13.68
N LEU A 197 3.49 -19.20 14.64
CA LEU A 197 3.11 -18.85 15.99
C LEU A 197 4.35 -18.63 16.84
N GLN A 198 4.28 -17.65 17.75
CA GLN A 198 5.44 -17.18 18.49
C GLN A 198 5.39 -17.62 19.94
N PRO A 199 6.31 -18.46 20.40
CA PRO A 199 6.40 -18.73 21.84
C PRO A 199 6.99 -17.54 22.57
N PHE A 200 6.66 -17.44 23.86
CA PHE A 200 7.10 -16.33 24.70
C PHE A 200 6.67 -14.98 24.13
N ALA A 201 5.55 -14.98 23.42
CA ALA A 201 4.87 -13.74 23.07
C ALA A 201 4.15 -13.21 24.31
N PRO A 202 3.76 -11.93 24.31
CA PRO A 202 2.98 -11.40 25.44
C PRO A 202 1.75 -12.24 25.71
N SER A 203 1.29 -12.20 26.97
CA SER A 203 0.34 -13.20 27.46
C SER A 203 -0.84 -13.38 26.51
N TYR A 204 -1.38 -12.28 25.97
CA TYR A 204 -2.56 -12.37 25.13
C TYR A 204 -2.36 -11.66 23.80
N SER A 205 -1.12 -11.63 23.31
CA SER A 205 -0.87 -11.11 21.97
C SER A 205 -1.45 -12.04 20.92
N ALA A 206 -1.94 -11.45 19.83
CA ALA A 206 -2.42 -12.21 18.68
C ALA A 206 -1.49 -12.02 17.48
N GLU A 207 -0.24 -11.66 17.73
CA GLU A 207 0.72 -11.44 16.66
C GLU A 207 1.37 -12.76 16.24
N MET A 208 1.56 -12.91 14.94
CA MET A 208 2.27 -14.03 14.34
C MET A 208 3.26 -13.47 13.33
N ARG A 209 4.08 -14.34 12.74
CA ARG A 209 5.03 -13.94 11.72
C ARG A 209 4.66 -14.61 10.40
N LEU A 210 4.33 -13.80 9.39
CA LEU A 210 3.99 -14.32 8.08
C LEU A 210 5.27 -14.74 7.36
N LEU A 211 5.44 -16.04 7.16
CA LEU A 211 6.63 -16.59 6.51
C LEU A 211 6.26 -16.99 5.09
N SER A 212 6.99 -16.46 4.12
CA SER A 212 6.71 -16.65 2.72
C SER A 212 7.99 -17.04 1.97
N ILE A 213 7.88 -18.00 1.07
CA ILE A 213 8.94 -18.38 0.15
C ILE A 213 8.39 -18.21 -1.26
N TYR A 214 9.01 -17.33 -2.04
CA TYR A 214 8.45 -16.92 -3.32
C TYR A 214 8.98 -17.77 -4.46
N THR A 215 8.07 -18.28 -5.27
CA THR A 215 8.40 -19.16 -6.39
C THR A 215 7.92 -18.53 -7.70
N MET A 219 4.34 -13.08 -6.11
CA MET A 219 3.67 -12.84 -4.83
C MET A 219 2.19 -12.56 -5.04
N ARG A 220 1.35 -13.54 -4.69
CA ARG A 220 -0.10 -13.40 -4.79
C ARG A 220 -0.67 -12.92 -3.46
N LEU A 221 -1.47 -11.86 -3.52
CA LEU A 221 -2.01 -11.24 -2.31
C LEU A 221 -3.35 -11.86 -1.93
N THR A 222 -3.62 -11.85 -0.62
CA THR A 222 -4.82 -12.44 -0.05
C THR A 222 -5.66 -11.37 0.64
N ARG A 223 -6.95 -11.36 0.35
CA ARG A 223 -7.86 -10.44 1.04
C ARG A 223 -8.09 -10.89 2.47
N VAL A 224 -8.03 -9.94 3.39
CA VAL A 224 -8.31 -10.17 4.81
C VAL A 224 -9.59 -9.41 5.14
N THR A 225 -10.57 -10.11 5.68
CA THR A 225 -11.90 -9.55 5.94
C THR A 225 -12.14 -9.44 7.44
N LYS A 226 -13.25 -8.77 7.78
CA LYS A 226 -13.60 -8.60 9.18
C LYS A 226 -13.91 -9.93 9.85
N SER A 227 -14.38 -10.92 9.09
CA SER A 227 -14.62 -12.24 9.66
C SER A 227 -13.30 -12.94 9.98
N ASP A 228 -12.29 -12.76 9.14
CA ASP A 228 -10.95 -13.24 9.47
C ASP A 228 -10.47 -12.63 10.78
N ALA A 229 -10.73 -11.35 10.99
CA ALA A 229 -10.33 -10.70 12.24
C ALA A 229 -11.03 -11.35 13.43
N VAL A 230 -12.29 -11.73 13.28
CA VAL A 230 -12.99 -12.43 14.36
C VAL A 230 -12.36 -13.80 14.57
N ASN A 231 -12.04 -14.50 13.49
CA ASN A 231 -11.47 -15.84 13.61
C ASN A 231 -10.08 -15.77 14.24
N TYR A 232 -9.28 -14.75 13.87
CA TYR A 232 -7.99 -14.58 14.52
C TYR A 232 -8.17 -14.32 16.00
N GLU A 233 -9.06 -13.39 16.36
CA GLU A 233 -9.21 -12.99 17.75
C GLU A 233 -9.61 -14.18 18.62
N LYS A 234 -10.56 -14.99 18.16
CA LYS A 234 -11.04 -16.10 18.98
C LYS A 234 -10.02 -17.24 19.03
N LYS A 235 -9.42 -17.56 17.88
CA LYS A 235 -8.41 -18.63 17.86
C LYS A 235 -7.20 -18.27 18.72
N MET A 236 -6.73 -17.02 18.61
CA MET A 236 -5.56 -16.63 19.40
C MET A 236 -5.88 -16.51 20.88
N TYR A 237 -7.13 -16.18 21.23
CA TYR A 237 -7.49 -16.13 22.64
C TYR A 237 -7.53 -17.53 23.23
N TYR A 238 -8.12 -18.48 22.52
CA TYR A 238 -8.08 -19.87 22.97
C TYR A 238 -6.64 -20.34 23.14
N LEU A 239 -5.76 -19.94 22.22
CA LEU A 239 -4.36 -20.31 22.32
C LEU A 239 -3.74 -19.71 23.59
N ASN A 240 -3.98 -18.42 23.83
CA ASN A 240 -3.32 -17.75 24.94
C ASN A 240 -3.96 -18.08 26.29
N LYS A 241 -5.27 -18.29 26.32
CA LYS A 241 -5.94 -18.57 27.59
C LYS A 241 -5.80 -20.05 27.96
N ILE A 242 -6.10 -20.95 27.02
CA ILE A 242 -6.13 -22.36 27.32
C ILE A 242 -4.78 -23.01 27.03
N VAL A 243 -4.38 -23.00 25.75
CA VAL A 243 -3.30 -23.88 25.31
C VAL A 243 -1.98 -23.52 25.99
N ARG A 244 -1.63 -22.24 25.97
CA ARG A 244 -0.32 -21.84 26.49
C ARG A 244 -0.23 -21.94 28.00
N ASN A 245 -1.34 -22.13 28.70
CA ASN A 245 -1.33 -22.30 30.15
C ASN A 245 -1.36 -23.76 30.57
N LYS A 246 -0.91 -24.67 29.71
CA LYS A 246 -0.88 -26.09 30.00
C LYS A 246 0.55 -26.55 30.28
N VAL A 247 0.64 -27.63 31.04
CA VAL A 247 1.90 -28.34 31.27
C VAL A 247 1.85 -29.63 30.47
N VAL A 248 2.85 -29.83 29.60
CA VAL A 248 2.88 -31.00 28.71
C VAL A 248 3.60 -32.10 29.49
N ILE A 249 2.82 -32.93 30.18
CA ILE A 249 3.40 -33.84 31.18
C ILE A 249 4.19 -34.97 30.54
N ASN A 250 3.93 -35.30 29.28
CA ASN A 250 4.74 -36.30 28.60
C ASN A 250 6.05 -35.73 28.08
N PHE A 251 6.23 -34.41 28.12
CA PHE A 251 7.36 -33.75 27.50
C PHE A 251 8.61 -33.93 28.37
N ASP A 252 9.62 -34.62 27.83
CA ASP A 252 10.87 -34.89 28.52
C ASP A 252 11.77 -33.67 28.40
N TYR A 253 11.64 -32.75 29.36
CA TYR A 253 12.40 -31.51 29.34
C TYR A 253 12.35 -30.89 30.73
N PRO A 254 13.39 -30.16 31.14
CA PRO A 254 13.40 -29.60 32.49
C PRO A 254 12.20 -28.70 32.78
N ASN A 255 11.64 -28.06 31.76
CA ASN A 255 10.47 -27.21 31.91
C ASN A 255 9.43 -27.69 30.92
N GLN A 256 8.26 -28.06 31.43
CA GLN A 256 7.20 -28.66 30.63
C GLN A 256 6.08 -27.69 30.29
N GLU A 257 6.25 -26.40 30.60
CA GLU A 257 5.24 -25.42 30.21
C GLU A 257 5.18 -25.29 28.71
N TYR A 258 3.98 -25.07 28.18
CA TYR A 258 3.76 -25.21 26.74
C TYR A 258 4.73 -24.34 25.95
N ASP A 259 4.99 -23.11 26.41
CA ASP A 259 5.89 -22.23 25.67
C ASP A 259 7.28 -22.85 25.52
N TYR A 260 7.72 -23.65 26.49
CA TYR A 260 8.99 -24.37 26.35
C TYR A 260 8.83 -25.57 25.43
N PHE A 261 7.70 -26.28 25.52
CA PHE A 261 7.38 -27.32 24.55
C PHE A 261 7.35 -26.74 23.13
N HIS A 262 6.74 -25.56 22.98
CA HIS A 262 6.72 -24.88 21.70
C HIS A 262 8.13 -24.50 21.25
N MET A 263 8.89 -23.84 22.13
CA MET A 263 10.26 -23.44 21.79
C MET A 263 11.09 -24.65 21.40
N TYR A 264 10.90 -25.78 22.08
CA TYR A 264 11.69 -26.99 21.83
C TYR A 264 11.53 -27.45 20.38
N PHE A 265 10.31 -27.41 19.86
CA PHE A 265 10.07 -27.86 18.49
C PHE A 265 10.58 -26.86 17.46
N MET A 266 10.68 -25.59 17.82
CA MET A 266 11.31 -24.64 16.90
C MET A 266 12.82 -24.85 16.86
N LEU A 267 13.43 -25.05 18.03
CA LEU A 267 14.89 -25.13 18.11
C LEU A 267 15.44 -26.40 17.47
N ARG A 268 14.63 -27.44 17.28
CA ARG A 268 15.14 -28.66 16.67
C ARG A 268 15.29 -28.55 15.15
N THR A 269 14.84 -27.45 14.55
CA THR A 269 15.12 -27.16 13.15
C THR A 269 16.41 -26.37 12.98
N VAL A 270 17.07 -26.03 14.08
CA VAL A 270 18.29 -25.22 14.05
C VAL A 270 19.49 -26.14 13.86
N TYR A 271 20.47 -25.67 13.08
CA TYR A 271 21.69 -26.42 12.82
C TYR A 271 22.76 -26.03 13.83
N CYS A 272 23.65 -26.99 14.12
CA CYS A 272 24.77 -26.77 15.02
C CYS A 272 26.01 -27.43 14.45
N ASN A 273 27.15 -26.75 14.59
CA ASN A 273 28.42 -27.39 14.24
C ASN A 273 28.78 -28.49 15.23
N LYS A 274 28.36 -28.33 16.48
CA LYS A 274 28.65 -29.29 17.54
C LYS A 274 27.69 -30.48 17.46
N THR A 275 28.18 -31.64 17.86
CA THR A 275 27.40 -32.87 17.87
C THR A 275 26.99 -33.20 19.30
N PHE A 276 25.77 -33.68 19.46
CA PHE A 276 25.21 -33.98 20.77
C PHE A 276 24.74 -35.42 20.84
N PRO A 277 24.81 -36.05 22.01
CA PRO A 277 24.42 -37.46 22.10
C PRO A 277 22.94 -37.70 21.84
N THR A 278 22.09 -36.70 22.07
CA THR A 278 20.66 -36.81 21.85
C THR A 278 20.13 -35.50 21.32
N THR A 279 18.89 -35.54 20.79
CA THR A 279 18.24 -34.32 20.36
C THR A 279 17.92 -33.41 21.54
N LYS A 280 17.45 -33.99 22.65
CA LYS A 280 17.18 -33.19 23.83
C LYS A 280 18.42 -32.46 24.32
N ALA A 281 19.58 -33.11 24.21
CA ALA A 281 20.82 -32.45 24.61
C ALA A 281 21.11 -31.24 23.75
N LYS A 282 20.81 -31.33 22.46
CA LYS A 282 21.05 -30.20 21.56
C LYS A 282 20.16 -29.03 21.93
N ILE A 283 18.85 -29.26 22.06
CA ILE A 283 17.92 -28.18 22.38
C ILE A 283 18.28 -27.55 23.71
N LEU A 284 18.62 -28.37 24.70
CA LEU A 284 19.03 -27.84 26.00
C LEU A 284 20.24 -26.94 25.85
N PHE A 285 21.22 -27.35 25.06
CA PHE A 285 22.40 -26.52 24.84
C PHE A 285 22.01 -25.21 24.17
N LEU A 286 21.19 -25.28 23.11
CA LEU A 286 20.77 -24.07 22.41
C LEU A 286 20.01 -23.13 23.35
N GLN A 287 19.06 -23.67 24.12
CA GLN A 287 18.29 -22.82 25.02
C GLN A 287 19.20 -22.15 26.04
N GLN A 288 20.12 -22.93 26.64
CA GLN A 288 21.08 -22.34 27.56
C GLN A 288 21.86 -21.23 26.89
N SER A 289 22.31 -21.46 25.65
CA SER A 289 23.04 -20.44 24.92
C SER A 289 22.19 -19.20 24.69
N ILE A 290 20.95 -19.39 24.22
CA ILE A 290 20.07 -18.27 23.93
C ILE A 290 19.75 -17.50 25.22
N PHE A 291 19.37 -18.22 26.28
CA PHE A 291 19.01 -17.56 27.52
C PHE A 291 20.21 -16.82 28.11
N ARG A 292 21.39 -17.41 28.05
CA ARG A 292 22.57 -16.77 28.63
C ARG A 292 22.90 -15.47 27.91
N PHE A 293 22.88 -15.48 26.58
CA PHE A 293 23.16 -14.24 25.85
C PHE A 293 22.11 -13.17 26.12
N LEU A 294 20.85 -13.56 26.19
CA LEU A 294 19.76 -12.62 26.47
C LEU A 294 19.64 -12.29 27.96
N ASN A 295 20.47 -12.89 28.81
CA ASN A 295 20.50 -12.60 30.24
C ASN A 295 19.22 -13.05 30.93
N ILE A 296 18.73 -14.22 30.58
CA ILE A 296 17.50 -14.79 31.14
C ILE A 296 17.91 -15.95 32.05
N PRO A 297 17.50 -15.97 33.33
CA PRO A 297 17.79 -17.10 34.21
C PRO A 297 17.23 -18.43 33.67
N ASP B 2 -21.80 6.76 -36.71
CA ASP B 2 -22.65 7.79 -37.30
C ASP B 2 -21.94 9.13 -37.31
N VAL B 3 -22.09 9.87 -38.41
CA VAL B 3 -21.44 11.16 -38.55
C VAL B 3 -22.30 12.24 -37.91
N VAL B 4 -21.68 13.37 -37.57
CA VAL B 4 -22.37 14.48 -36.93
C VAL B 4 -21.54 15.73 -37.14
N SER B 5 -22.18 16.89 -37.03
CA SER B 5 -21.49 18.18 -37.07
C SER B 5 -21.66 18.84 -35.71
N LEU B 6 -20.53 19.22 -35.09
CA LEU B 6 -20.54 19.83 -33.77
C LEU B 6 -19.63 21.05 -33.75
N ASP B 7 -20.05 22.07 -33.02
CA ASP B 7 -19.20 23.24 -32.77
C ASP B 7 -18.31 23.06 -31.55
N LYS B 8 -18.72 22.21 -30.60
CA LYS B 8 -17.94 21.95 -29.39
C LYS B 8 -18.44 20.65 -28.79
N PRO B 9 -17.57 19.92 -28.06
CA PRO B 9 -18.05 18.72 -27.37
C PRO B 9 -18.62 19.05 -25.99
N PHE B 10 -19.11 18.05 -25.29
CA PHE B 10 -19.62 18.22 -23.93
C PHE B 10 -18.46 18.15 -22.95
N MET B 11 -18.18 19.27 -22.28
CA MET B 11 -17.06 19.35 -21.36
C MET B 11 -17.46 19.05 -19.92
N TYR B 12 -18.72 19.31 -19.56
CA TYR B 12 -19.22 19.08 -18.22
C TYR B 12 -20.57 18.39 -18.29
N PHE B 13 -20.92 17.71 -17.20
CA PHE B 13 -22.12 16.87 -17.20
C PHE B 13 -23.37 17.68 -17.49
N GLU B 14 -23.42 18.93 -17.01
CA GLU B 14 -24.62 19.73 -17.17
C GLU B 14 -24.96 20.01 -18.62
N GLU B 15 -24.00 19.83 -19.54
CA GLU B 15 -24.20 20.16 -20.95
C GLU B 15 -24.87 19.02 -21.72
N ILE B 16 -24.97 17.83 -21.15
CA ILE B 16 -25.62 16.71 -21.82
C ILE B 16 -27.11 17.01 -21.91
N ASP B 17 -27.63 17.05 -23.14
CA ASP B 17 -28.97 17.58 -23.40
C ASP B 17 -29.97 16.49 -23.81
N ASN B 18 -29.71 15.23 -23.46
CA ASN B 18 -30.64 14.15 -23.76
C ASN B 18 -30.28 12.96 -22.89
N GLU B 19 -31.17 11.97 -22.86
CA GLU B 19 -30.98 10.78 -22.04
C GLU B 19 -31.38 9.54 -22.84
N LEU B 20 -30.98 8.38 -22.33
CA LEU B 20 -31.29 7.11 -22.96
C LEU B 20 -31.38 6.03 -21.89
N ASP B 21 -32.37 5.14 -22.03
CA ASP B 21 -32.58 4.09 -21.04
C ASP B 21 -31.40 3.13 -21.01
N TYR B 22 -30.76 3.01 -19.85
CA TYR B 22 -29.57 2.18 -19.74
C TYR B 22 -29.89 0.71 -19.99
N GLU B 23 -28.98 0.03 -20.67
CA GLU B 23 -29.14 -1.39 -20.97
C GLU B 23 -27.85 -2.16 -20.72
N LYS B 33 -10.29 -0.54 -25.20
CA LYS B 33 -9.78 -0.66 -26.56
C LYS B 33 -8.31 -0.21 -26.64
N LEU B 34 -8.04 1.02 -26.22
CA LEU B 34 -6.70 1.58 -26.36
C LEU B 34 -5.76 1.11 -25.25
N PRO B 35 -4.45 1.15 -25.50
CA PRO B 35 -3.49 0.75 -24.46
C PRO B 35 -3.21 1.88 -23.48
N TYR B 36 -3.08 1.50 -22.21
CA TYR B 36 -2.85 2.48 -21.13
C TYR B 36 -3.89 3.59 -21.17
N GLN B 37 -5.12 3.23 -21.56
CA GLN B 37 -6.18 4.22 -21.69
C GLN B 37 -6.51 4.87 -20.36
N GLY B 38 -6.39 4.12 -19.26
CA GLY B 38 -6.69 4.69 -17.95
C GLY B 38 -5.72 5.79 -17.56
N GLN B 39 -4.42 5.57 -17.82
CA GLN B 39 -3.44 6.62 -17.55
C GLN B 39 -3.63 7.82 -18.47
N LEU B 40 -4.13 7.59 -19.69
CA LEU B 40 -4.46 8.71 -20.58
C LEU B 40 -5.67 9.47 -20.06
N LYS B 41 -6.67 8.75 -19.55
CA LYS B 41 -7.86 9.43 -19.02
C LYS B 41 -7.49 10.37 -17.88
N LEU B 42 -6.71 9.87 -16.92
CA LEU B 42 -6.30 10.70 -15.79
C LEU B 42 -5.41 11.85 -16.26
N LEU B 43 -4.47 11.56 -17.15
CA LEU B 43 -3.54 12.59 -17.61
C LEU B 43 -4.29 13.75 -18.27
N LEU B 44 -5.24 13.43 -19.15
CA LEU B 44 -5.99 14.49 -19.84
C LEU B 44 -6.81 15.30 -18.85
N GLY B 45 -7.48 14.64 -17.90
CA GLY B 45 -8.30 15.36 -16.96
C GLY B 45 -7.49 16.20 -15.99
N GLU B 46 -6.35 15.68 -15.52
CA GLU B 46 -5.53 16.39 -14.56
C GLU B 46 -4.74 17.51 -15.21
N LEU B 47 -4.38 17.37 -16.48
CA LEU B 47 -3.75 18.48 -17.20
C LEU B 47 -4.78 19.59 -17.45
N PHE B 48 -6.02 19.22 -17.76
CA PHE B 48 -7.10 20.19 -17.89
C PHE B 48 -7.34 20.90 -16.56
N PHE B 49 -7.42 20.13 -15.48
CA PHE B 49 -7.69 20.71 -14.16
C PHE B 49 -6.54 21.61 -13.72
N LEU B 50 -5.31 21.10 -13.80
CA LEU B 50 -4.16 21.90 -13.36
C LEU B 50 -3.93 23.09 -14.28
N SER B 51 -4.13 22.92 -15.58
CA SER B 51 -3.96 24.05 -16.49
C SER B 51 -4.95 25.17 -16.18
N LYS B 52 -6.19 24.81 -15.83
CA LYS B 52 -7.15 25.82 -15.42
C LYS B 52 -6.67 26.57 -14.17
N LEU B 53 -5.95 25.88 -13.29
CA LEU B 53 -5.46 26.53 -12.08
C LEU B 53 -4.27 27.43 -12.39
N GLN B 54 -3.39 27.00 -13.29
CA GLN B 54 -2.32 27.90 -13.76
C GLN B 54 -2.89 29.16 -14.35
N ARG B 55 -4.05 29.06 -15.00
CA ARG B 55 -4.68 30.18 -15.68
C ARG B 55 -5.37 31.12 -14.69
N HIS B 56 -5.81 30.62 -13.54
CA HIS B 56 -6.27 31.46 -12.45
C HIS B 56 -5.13 31.94 -11.55
N GLY B 57 -3.89 31.57 -11.87
CA GLY B 57 -2.74 32.04 -11.12
C GLY B 57 -2.62 31.51 -9.71
N ILE B 58 -3.18 30.34 -9.43
CA ILE B 58 -3.12 29.75 -8.10
C ILE B 58 -2.36 28.42 -8.08
N LEU B 59 -1.77 28.01 -9.20
CA LEU B 59 -0.98 26.78 -9.27
C LEU B 59 0.47 26.99 -8.88
N ASP B 60 1.05 28.14 -9.23
CA ASP B 60 2.47 28.38 -8.98
C ASP B 60 2.74 28.40 -7.49
N GLY B 61 3.71 27.61 -7.05
CA GLY B 61 4.11 27.57 -5.67
C GLY B 61 3.28 26.67 -4.77
N ALA B 62 2.30 25.98 -5.31
CA ALA B 62 1.45 25.13 -4.50
C ALA B 62 2.03 23.72 -4.39
N THR B 63 1.56 23.00 -3.38
CA THR B 63 1.85 21.58 -3.21
C THR B 63 0.61 20.81 -3.64
N VAL B 64 0.80 19.86 -4.55
CA VAL B 64 -0.28 19.02 -5.06
C VAL B 64 -0.31 17.75 -4.24
N VAL B 65 -1.34 17.59 -3.42
CA VAL B 65 -1.52 16.38 -2.61
C VAL B 65 -2.41 15.43 -3.40
N TYR B 66 -1.81 14.39 -3.96
CA TYR B 66 -2.48 13.43 -4.82
C TYR B 66 -2.62 12.14 -4.00
N ILE B 67 -3.82 11.90 -3.49
CA ILE B 67 -4.13 10.72 -2.69
C ILE B 67 -4.77 9.68 -3.62
N GLY B 68 -4.28 8.45 -3.53
CA GLY B 68 -4.66 7.42 -4.48
C GLY B 68 -3.91 7.58 -5.79
N SER B 69 -2.59 7.79 -5.69
CA SER B 69 -1.77 8.15 -6.84
C SER B 69 -1.09 6.96 -7.51
N ALA B 70 -0.95 5.84 -6.82
CA ALA B 70 -0.25 4.72 -7.41
C ALA B 70 -1.14 4.00 -8.44
N PRO B 71 -0.55 3.47 -9.52
CA PRO B 71 0.87 3.54 -9.92
C PRO B 71 1.25 4.94 -10.41
N GLY B 72 0.31 5.66 -11.00
CA GLY B 72 0.55 7.05 -11.37
C GLY B 72 1.64 7.25 -12.41
N THR B 73 1.71 6.37 -13.41
CA THR B 73 2.70 6.53 -14.46
C THR B 73 2.52 7.87 -15.18
N HIS B 74 1.28 8.31 -15.35
CA HIS B 74 1.02 9.56 -16.05
C HIS B 74 1.47 10.78 -15.27
N ILE B 75 1.61 10.66 -13.95
CA ILE B 75 1.96 11.83 -13.14
C ILE B 75 3.34 12.35 -13.51
N ARG B 76 4.21 11.47 -14.02
CA ARG B 76 5.52 11.90 -14.48
C ARG B 76 5.41 12.91 -15.61
N TYR B 77 4.47 12.70 -16.54
CA TYR B 77 4.29 13.65 -17.62
C TYR B 77 3.74 14.98 -17.11
N LEU B 78 2.81 14.92 -16.15
CA LEU B 78 2.31 16.15 -15.55
C LEU B 78 3.45 16.95 -14.95
N ARG B 79 4.24 16.32 -14.07
CA ARG B 79 5.32 17.02 -13.39
C ARG B 79 6.31 17.62 -14.37
N ASP B 80 6.75 16.82 -15.36
CA ASP B 80 7.68 17.33 -16.35
C ASP B 80 7.07 18.49 -17.13
N HIS B 81 5.80 18.40 -17.48
CA HIS B 81 5.16 19.44 -18.27
C HIS B 81 5.24 20.79 -17.58
N PHE B 82 4.76 20.87 -16.33
CA PHE B 82 4.74 22.14 -15.63
C PHE B 82 6.12 22.58 -15.18
N TYR B 83 7.00 21.62 -14.86
CA TYR B 83 8.38 21.99 -14.52
C TYR B 83 9.05 22.66 -15.71
N ASN B 84 8.92 22.08 -16.91
CA ASN B 84 9.52 22.66 -18.09
C ASN B 84 8.95 24.04 -18.42
N LEU B 85 7.74 24.34 -17.97
CA LEU B 85 7.16 25.66 -18.13
C LEU B 85 7.64 26.64 -17.05
N GLY B 86 8.44 26.18 -16.08
CA GLY B 86 8.89 27.03 -15.02
C GLY B 86 7.91 27.22 -13.88
N VAL B 87 6.86 26.40 -13.81
CA VAL B 87 5.89 26.50 -12.72
C VAL B 87 6.42 25.72 -11.53
N ILE B 88 6.46 26.39 -10.37
CA ILE B 88 6.97 25.77 -9.14
C ILE B 88 5.86 24.94 -8.53
N ILE B 89 6.00 23.61 -8.60
CA ILE B 89 5.02 22.69 -8.03
C ILE B 89 5.76 21.61 -7.26
N LYS B 90 5.27 21.31 -6.05
CA LYS B 90 5.76 20.19 -5.25
C LYS B 90 4.69 19.11 -5.22
N TRP B 91 5.12 17.87 -5.44
CA TRP B 91 4.21 16.75 -5.58
C TRP B 91 4.32 15.85 -4.35
N MET B 92 3.17 15.54 -3.75
CA MET B 92 3.08 14.63 -2.61
C MET B 92 2.12 13.52 -2.99
N LEU B 93 2.66 12.38 -3.41
CA LEU B 93 1.86 11.26 -3.88
C LEU B 93 1.71 10.25 -2.75
N ILE B 94 0.47 10.04 -2.32
CA ILE B 94 0.16 9.22 -1.15
C ILE B 94 -0.70 8.04 -1.60
N ASP B 95 -0.22 6.83 -1.35
CA ASP B 95 -0.98 5.63 -1.69
C ASP B 95 -0.46 4.48 -0.82
N GLY B 96 -1.28 3.43 -0.71
CA GLY B 96 -0.84 2.22 -0.03
C GLY B 96 -0.03 1.30 -0.89
N ARG B 97 -0.16 1.40 -2.20
CA ARG B 97 0.66 0.67 -3.15
C ARG B 97 1.80 1.55 -3.63
N HIS B 98 2.77 0.92 -4.27
CA HIS B 98 3.97 1.62 -4.71
C HIS B 98 3.76 2.19 -6.12
N HIS B 99 4.40 3.32 -6.37
CA HIS B 99 4.22 4.05 -7.62
C HIS B 99 5.14 3.52 -8.71
N ASP B 100 4.84 3.93 -9.94
CA ASP B 100 5.63 3.52 -11.09
C ASP B 100 7.09 3.96 -10.90
N PRO B 101 8.05 3.10 -11.26
CA PRO B 101 9.46 3.48 -11.08
C PRO B 101 9.87 4.74 -11.83
N ILE B 102 9.05 5.23 -12.76
CA ILE B 102 9.40 6.40 -13.55
C ILE B 102 9.19 7.67 -12.73
N LEU B 103 8.73 7.53 -11.49
CA LEU B 103 8.60 8.65 -10.56
C LEU B 103 9.73 8.72 -9.55
N ASN B 104 10.71 7.81 -9.64
CA ASN B 104 11.83 7.78 -8.72
C ASN B 104 12.94 8.70 -9.21
N GLY B 105 13.80 9.12 -8.27
CA GLY B 105 14.79 10.14 -8.54
C GLY B 105 14.22 11.54 -8.72
N LEU B 106 12.92 11.66 -8.90
CA LEU B 106 12.27 12.96 -8.94
C LEU B 106 12.11 13.47 -7.51
N ARG B 107 12.50 14.71 -7.28
CA ARG B 107 12.71 15.22 -5.93
C ARG B 107 11.71 16.28 -5.51
N ASP B 108 11.14 17.03 -6.46
CA ASP B 108 9.92 17.76 -6.19
C ASP B 108 8.74 16.82 -5.95
N VAL B 109 8.97 15.52 -6.05
CA VAL B 109 7.95 14.48 -5.93
C VAL B 109 8.32 13.62 -4.73
N THR B 110 7.52 13.72 -3.67
CA THR B 110 7.68 12.86 -2.50
C THR B 110 6.66 11.72 -2.58
N LEU B 111 7.15 10.49 -2.44
CA LEU B 111 6.31 9.30 -2.52
C LEU B 111 6.02 8.79 -1.11
N VAL B 112 4.76 8.74 -0.74
CA VAL B 112 4.34 8.41 0.62
C VAL B 112 3.54 7.10 0.61
N THR B 113 4.02 6.11 1.36
CA THR B 113 3.34 4.84 1.52
C THR B 113 2.47 4.93 2.76
N ARG B 114 1.16 5.09 2.56
CA ARG B 114 0.27 5.37 3.67
C ARG B 114 -1.18 5.13 3.29
N PHE B 115 -1.93 4.59 4.24
CA PHE B 115 -3.39 4.51 4.18
C PHE B 115 -3.93 5.73 4.91
N VAL B 116 -4.43 6.71 4.15
CA VAL B 116 -4.77 8.00 4.75
C VAL B 116 -6.08 7.87 5.52
N ASP B 117 -6.12 8.51 6.69
CA ASP B 117 -7.33 8.64 7.48
C ASP B 117 -7.39 10.09 7.97
N GLU B 118 -8.40 10.39 8.78
CA GLU B 118 -8.55 11.75 9.27
C GLU B 118 -7.33 12.19 10.06
N GLU B 119 -6.77 11.29 10.88
CA GLU B 119 -5.62 11.66 11.70
C GLU B 119 -4.42 12.03 10.84
N TYR B 120 -4.14 11.23 9.82
CA TYR B 120 -2.99 11.51 8.96
C TYR B 120 -3.23 12.77 8.12
N LEU B 121 -4.47 13.04 7.74
CA LEU B 121 -4.76 14.27 7.00
C LEU B 121 -4.41 15.50 7.83
N ARG B 122 -4.72 15.47 9.13
CA ARG B 122 -4.37 16.62 9.97
C ARG B 122 -2.87 16.77 10.10
N SER B 123 -2.11 15.67 10.04
CA SER B 123 -0.66 15.74 10.20
C SER B 123 0.02 16.25 8.94
N ILE B 124 -0.53 15.96 7.75
CA ILE B 124 0.07 16.49 6.53
C ILE B 124 -0.38 17.92 6.30
N LYS B 125 -1.63 18.24 6.62
CA LYS B 125 -2.07 19.64 6.56
C LYS B 125 -1.09 20.55 7.27
N LYS B 126 -0.37 20.01 8.25
CA LYS B 126 0.41 20.79 9.21
C LYS B 126 1.88 20.86 8.89
N GLN B 127 2.46 19.77 8.37
CA GLN B 127 3.82 19.85 7.86
C GLN B 127 3.89 20.66 6.57
N LEU B 128 2.76 20.80 5.86
CA LEU B 128 2.73 21.54 4.62
C LEU B 128 2.47 23.04 4.79
N HIS B 129 2.03 23.47 5.96
CA HIS B 129 1.98 24.90 6.23
C HIS B 129 3.37 25.50 6.02
N PRO B 130 3.47 26.68 5.37
CA PRO B 130 2.40 27.57 4.93
C PRO B 130 1.98 27.39 3.48
N SER B 131 2.27 26.24 2.88
CA SER B 131 2.11 26.10 1.44
C SER B 131 0.65 25.91 1.04
N LYS B 132 0.27 26.51 -0.09
CA LYS B 132 -1.04 26.25 -0.67
C LYS B 132 -1.14 24.80 -1.09
N ILE B 133 -2.33 24.22 -0.94
CA ILE B 133 -2.57 22.81 -1.18
C ILE B 133 -3.57 22.66 -2.31
N ILE B 134 -3.22 21.84 -3.30
CA ILE B 134 -4.13 21.46 -4.37
C ILE B 134 -4.36 19.95 -4.26
N LEU B 135 -5.60 19.56 -4.03
CA LEU B 135 -5.94 18.16 -3.75
C LEU B 135 -6.37 17.47 -5.03
N ILE B 136 -5.82 16.28 -5.25
CA ILE B 136 -6.28 15.38 -6.30
C ILE B 136 -6.51 14.02 -5.66
N SER B 137 -7.75 13.53 -5.72
CA SER B 137 -8.11 12.24 -5.15
C SER B 137 -8.57 11.31 -6.26
N ASP B 138 -8.03 10.09 -6.28
CA ASP B 138 -8.50 9.03 -7.14
C ASP B 138 -8.57 7.73 -6.36
N VAL B 139 -8.98 7.83 -5.08
CA VAL B 139 -9.01 6.67 -4.21
C VAL B 139 -10.11 5.72 -4.62
N ARG B 140 -9.85 4.42 -4.47
CA ARG B 140 -10.81 3.40 -4.83
C ARG B 140 -10.47 2.10 -4.10
N SER B 141 -11.46 1.54 -3.39
CA SER B 141 -11.28 0.28 -2.68
C SER B 141 -11.39 -0.93 -3.62
N GLU B 147 -16.36 -4.19 -9.79
CA GLU B 147 -17.02 -2.93 -9.47
C GLU B 147 -17.19 -2.73 -7.97
N PRO B 148 -17.13 -1.49 -7.49
CA PRO B 148 -17.30 -1.24 -6.06
C PRO B 148 -18.77 -1.22 -5.66
N SER B 149 -19.03 -1.59 -4.41
CA SER B 149 -20.37 -1.50 -3.88
C SER B 149 -20.72 -0.06 -3.55
N THR B 150 -22.01 0.20 -3.40
CA THR B 150 -22.45 1.55 -3.05
C THR B 150 -21.91 1.96 -1.69
N ALA B 151 -21.84 1.02 -0.74
CA ALA B 151 -21.26 1.33 0.56
C ALA B 151 -19.78 1.68 0.45
N ASP B 152 -19.08 1.07 -0.51
CA ASP B 152 -17.67 1.43 -0.73
C ASP B 152 -17.57 2.85 -1.27
N LEU B 153 -18.39 3.20 -2.26
CA LEU B 153 -18.35 4.54 -2.81
C LEU B 153 -18.66 5.59 -1.74
N LEU B 154 -19.69 5.34 -0.93
CA LEU B 154 -20.02 6.29 0.12
C LEU B 154 -18.84 6.50 1.07
N SER B 155 -18.11 5.43 1.37
CA SER B 155 -16.92 5.54 2.21
C SER B 155 -15.84 6.37 1.52
N ASN B 156 -15.66 6.17 0.20
CA ASN B 156 -14.71 6.98 -0.53
C ASN B 156 -15.11 8.45 -0.52
N TYR B 157 -16.38 8.73 -0.85
CA TYR B 157 -16.83 10.12 -0.89
C TYR B 157 -16.90 10.75 0.49
N ALA B 158 -17.14 9.95 1.53
CA ALA B 158 -17.02 10.46 2.89
C ALA B 158 -15.59 10.89 3.17
N LEU B 159 -14.63 10.06 2.77
CA LEU B 159 -13.22 10.38 3.00
C LEU B 159 -12.81 11.61 2.20
N GLN B 160 -13.27 11.72 0.95
CA GLN B 160 -12.85 12.85 0.12
C GLN B 160 -13.34 14.18 0.68
N ASN B 161 -14.53 14.19 1.30
CA ASN B 161 -14.98 15.41 1.97
C ASN B 161 -14.06 15.74 3.14
N VAL B 162 -13.67 14.73 3.91
CA VAL B 162 -12.74 14.94 5.03
C VAL B 162 -11.41 15.50 4.53
N MET B 163 -10.97 15.05 3.36
CA MET B 163 -9.75 15.62 2.77
C MET B 163 -9.88 17.12 2.65
N ILE B 164 -11.01 17.60 2.11
CA ILE B 164 -11.14 19.01 1.79
C ILE B 164 -11.34 19.83 3.06
N SER B 165 -12.18 19.35 3.98
CA SER B 165 -12.43 20.12 5.19
C SER B 165 -11.16 20.28 6.02
N ILE B 166 -10.30 19.26 6.02
CA ILE B 166 -9.09 19.30 6.83
C ILE B 166 -7.97 20.02 6.10
N LEU B 167 -7.67 19.59 4.87
CA LEU B 167 -6.54 20.16 4.14
C LEU B 167 -6.81 21.59 3.67
N ASN B 168 -8.07 22.01 3.61
CA ASN B 168 -8.46 23.34 3.16
C ASN B 168 -7.73 23.71 1.86
N PRO B 169 -7.92 22.93 0.79
CA PRO B 169 -7.19 23.20 -0.45
C PRO B 169 -7.74 24.43 -1.17
N VAL B 170 -6.87 25.04 -1.98
CA VAL B 170 -7.32 26.14 -2.82
C VAL B 170 -8.14 25.64 -3.99
N ALA B 171 -7.92 24.39 -4.42
CA ALA B 171 -8.71 23.75 -5.45
C ALA B 171 -8.63 22.26 -5.24
N SER B 172 -9.57 21.53 -5.84
CA SER B 172 -9.60 20.08 -5.69
C SER B 172 -10.17 19.44 -6.94
N SER B 173 -9.78 18.19 -7.16
CA SER B 173 -10.32 17.35 -8.22
C SER B 173 -10.65 16.00 -7.57
N LEU B 174 -11.92 15.63 -7.58
CA LEU B 174 -12.38 14.44 -6.88
C LEU B 174 -12.97 13.44 -7.87
N LYS B 175 -12.57 12.19 -7.73
CA LYS B 175 -13.26 11.08 -8.39
C LYS B 175 -14.73 11.13 -8.03
N TRP B 176 -15.59 11.10 -9.06
CA TRP B 176 -17.04 11.21 -8.84
C TRP B 176 -17.78 10.32 -9.83
N ARG B 177 -18.29 9.20 -9.34
CA ARG B 177 -19.29 8.40 -10.03
C ARG B 177 -20.45 8.18 -9.08
N CYS B 178 -21.66 8.52 -9.52
CA CYS B 178 -22.82 8.35 -8.65
C CYS B 178 -23.16 6.87 -8.50
N PRO B 179 -23.54 6.43 -7.30
CA PRO B 179 -24.01 5.05 -7.16
C PRO B 179 -25.22 4.81 -8.04
N PHE B 180 -25.36 3.57 -8.51
CA PHE B 180 -26.48 3.25 -9.39
C PHE B 180 -27.79 3.32 -8.62
N PRO B 181 -28.84 3.93 -9.20
CA PRO B 181 -30.09 4.11 -8.44
C PRO B 181 -30.70 2.81 -7.95
N ASP B 182 -30.55 1.71 -8.70
CA ASP B 182 -31.05 0.42 -8.25
C ASP B 182 -30.19 -0.19 -7.16
N GLN B 183 -29.03 0.40 -6.86
CA GLN B 183 -28.22 0.03 -5.72
C GLN B 183 -28.18 1.15 -4.69
N TRP B 184 -29.20 1.99 -4.69
CA TRP B 184 -29.24 3.10 -3.75
C TRP B 184 -29.29 2.58 -2.32
N ILE B 185 -28.72 3.36 -1.40
CA ILE B 185 -28.72 3.01 0.01
C ILE B 185 -29.24 4.20 0.80
N LYS B 186 -28.74 5.39 0.48
CA LYS B 186 -28.87 6.55 1.35
C LYS B 186 -28.40 7.77 0.59
N ASP B 187 -29.00 8.91 0.91
CA ASP B 187 -28.53 10.18 0.36
C ASP B 187 -27.18 10.54 0.99
N PHE B 188 -26.30 11.12 0.17
CA PHE B 188 -24.99 11.55 0.63
C PHE B 188 -24.69 12.92 0.04
N TYR B 189 -23.73 13.60 0.65
CA TYR B 189 -23.34 14.94 0.27
C TYR B 189 -21.93 14.93 -0.33
N ILE B 190 -21.77 15.62 -1.45
CA ILE B 190 -20.46 15.80 -2.07
C ILE B 190 -20.23 17.30 -2.25
N PRO B 191 -18.98 17.71 -2.44
CA PRO B 191 -18.71 19.15 -2.57
C PRO B 191 -19.33 19.73 -3.83
N HIS B 192 -19.46 21.05 -3.81
CA HIS B 192 -19.91 21.81 -4.98
C HIS B 192 -18.76 21.94 -5.96
N GLY B 193 -19.10 21.92 -7.25
CA GLY B 193 -18.09 22.10 -8.28
C GLY B 193 -18.62 21.64 -9.62
N ASN B 194 -17.75 21.80 -10.62
CA ASN B 194 -18.06 21.42 -12.00
C ASN B 194 -17.68 19.96 -12.22
N LYS B 195 -18.54 19.24 -12.94
CA LYS B 195 -18.40 17.80 -13.12
C LYS B 195 -17.80 17.55 -14.51
N MET B 196 -16.48 17.51 -14.55
CA MET B 196 -15.76 17.36 -15.81
C MET B 196 -15.97 15.96 -16.38
N LEU B 197 -16.32 15.91 -17.67
CA LEU B 197 -16.41 14.63 -18.37
C LEU B 197 -15.03 14.23 -18.87
N GLN B 198 -14.79 12.92 -18.90
CA GLN B 198 -13.46 12.39 -19.19
C GLN B 198 -13.45 11.71 -20.55
N PRO B 199 -12.68 12.19 -21.51
CA PRO B 199 -12.49 11.41 -22.75
C PRO B 199 -11.66 10.16 -22.47
N PHE B 200 -11.84 9.17 -23.33
CA PHE B 200 -11.15 7.88 -23.25
C PHE B 200 -11.42 7.15 -21.94
N ALA B 201 -12.55 7.47 -21.29
CA ALA B 201 -13.01 6.65 -20.18
C ALA B 201 -13.46 5.30 -20.68
N PRO B 202 -13.63 4.31 -19.79
CA PRO B 202 -14.23 3.04 -20.20
C PRO B 202 -15.49 3.25 -21.02
N SER B 203 -15.83 2.27 -21.85
CA SER B 203 -16.86 2.48 -22.87
C SER B 203 -18.16 2.99 -22.27
N TYR B 204 -18.56 2.46 -21.11
CA TYR B 204 -19.83 2.83 -20.50
C TYR B 204 -19.64 3.22 -19.04
N SER B 205 -18.52 3.86 -18.71
CA SER B 205 -18.30 4.37 -17.37
C SER B 205 -19.09 5.66 -17.17
N ALA B 206 -19.70 5.79 -15.99
CA ALA B 206 -20.40 6.99 -15.60
C ALA B 206 -19.55 7.90 -14.74
N GLU B 207 -18.23 7.68 -14.72
CA GLU B 207 -17.34 8.42 -13.84
C GLU B 207 -16.99 9.78 -14.43
N MET B 208 -16.93 10.79 -13.56
CA MET B 208 -16.52 12.13 -13.91
C MET B 208 -15.66 12.66 -12.77
N ARG B 209 -14.97 13.77 -13.01
CA ARG B 209 -14.13 14.40 -12.01
C ARG B 209 -14.81 15.67 -11.51
N LEU B 210 -14.92 15.82 -10.20
CA LEU B 210 -15.55 16.99 -9.58
C LEU B 210 -14.47 18.03 -9.33
N LEU B 211 -14.47 19.09 -10.13
CA LEU B 211 -13.48 20.16 -10.03
C LEU B 211 -14.06 21.31 -9.22
N SER B 212 -13.29 21.77 -8.23
CA SER B 212 -13.75 22.82 -7.33
C SER B 212 -12.63 23.81 -7.05
N ILE B 213 -12.95 25.10 -7.09
CA ILE B 213 -12.05 26.17 -6.68
C ILE B 213 -12.71 26.89 -5.50
N TYR B 214 -11.96 27.04 -4.42
CA TYR B 214 -12.52 27.54 -3.17
C TYR B 214 -12.11 28.98 -2.87
N MET B 219 -16.09 25.84 1.48
CA MET B 219 -16.62 24.69 0.75
C MET B 219 -18.11 24.54 1.01
N ARG B 220 -18.86 24.33 -0.06
CA ARG B 220 -20.30 24.07 0.02
C ARG B 220 -20.54 22.61 -0.36
N LEU B 221 -21.26 21.90 0.50
CA LEU B 221 -21.70 20.56 0.18
C LEU B 221 -23.05 20.63 -0.50
N THR B 222 -23.26 19.72 -1.45
CA THR B 222 -24.53 19.57 -2.12
C THR B 222 -24.95 18.12 -1.86
N ARG B 223 -26.18 17.84 -2.26
CA ARG B 223 -26.85 16.65 -1.83
C ARG B 223 -27.22 15.80 -3.02
N VAL B 224 -27.07 14.49 -2.87
CA VAL B 224 -27.22 13.55 -3.97
C VAL B 224 -28.35 12.62 -3.62
N THR B 225 -29.40 12.66 -4.44
CA THR B 225 -30.63 11.93 -4.22
C THR B 225 -30.76 10.81 -5.24
N LYS B 226 -31.64 9.85 -4.93
CA LYS B 226 -31.85 8.74 -5.84
C LYS B 226 -32.30 9.22 -7.21
N SER B 227 -33.03 10.34 -7.26
CA SER B 227 -33.42 10.90 -8.55
C SER B 227 -32.22 11.48 -9.29
N ASP B 228 -31.22 11.96 -8.56
CA ASP B 228 -29.98 12.37 -9.22
C ASP B 228 -29.26 11.17 -9.82
N ALA B 229 -29.26 10.05 -9.11
CA ALA B 229 -28.62 8.85 -9.63
C ALA B 229 -29.28 8.39 -10.92
N VAL B 230 -30.62 8.39 -10.96
CA VAL B 230 -31.33 8.04 -12.19
C VAL B 230 -30.92 8.98 -13.31
N ASN B 231 -30.91 10.28 -13.03
CA ASN B 231 -30.51 11.25 -14.04
C ASN B 231 -29.08 11.02 -14.48
N TYR B 232 -28.17 10.75 -13.53
CA TYR B 232 -26.78 10.48 -13.89
C TYR B 232 -26.68 9.29 -14.84
N GLU B 233 -27.25 8.14 -14.44
CA GLU B 233 -27.09 6.94 -15.24
C GLU B 233 -27.61 7.14 -16.65
N LYS B 234 -28.79 7.76 -16.79
CA LYS B 234 -29.37 7.97 -18.11
C LYS B 234 -28.51 8.92 -18.95
N LYS B 235 -28.26 10.12 -18.44
CA LYS B 235 -27.50 11.11 -19.20
C LYS B 235 -26.12 10.59 -19.59
N MET B 236 -25.52 9.73 -18.75
CA MET B 236 -24.22 9.16 -19.07
C MET B 236 -24.32 8.01 -20.06
N TYR B 237 -25.41 7.23 -19.99
CA TYR B 237 -25.61 6.20 -21.01
C TYR B 237 -25.89 6.81 -22.37
N TYR B 238 -26.64 7.92 -22.40
CA TYR B 238 -26.82 8.66 -23.64
C TYR B 238 -25.48 9.16 -24.17
N LEU B 239 -24.59 9.58 -23.27
CA LEU B 239 -23.26 9.99 -23.68
C LEU B 239 -22.44 8.81 -24.17
N ASN B 240 -22.43 7.71 -23.42
CA ASN B 240 -21.58 6.58 -23.77
C ASN B 240 -22.14 5.81 -24.98
N LYS B 241 -23.45 5.61 -25.02
CA LYS B 241 -24.00 4.75 -26.08
C LYS B 241 -24.02 5.46 -27.43
N ILE B 242 -24.41 6.74 -27.46
CA ILE B 242 -24.68 7.44 -28.70
C ILE B 242 -23.62 8.50 -28.99
N VAL B 243 -23.48 9.48 -28.08
CA VAL B 243 -22.65 10.66 -28.38
C VAL B 243 -21.21 10.25 -28.66
N ARG B 244 -20.65 9.37 -27.82
CA ARG B 244 -19.25 9.01 -27.95
C ARG B 244 -18.97 8.11 -29.15
N ASN B 245 -20.00 7.59 -29.80
CA ASN B 245 -19.83 6.75 -30.98
C ASN B 245 -20.00 7.53 -32.27
N LYS B 246 -20.00 8.86 -32.20
CA LYS B 246 -20.13 9.70 -33.39
C LYS B 246 -18.77 10.06 -33.96
N VAL B 247 -18.77 10.47 -35.22
CA VAL B 247 -17.59 11.01 -35.88
C VAL B 247 -17.91 12.46 -36.23
N VAL B 248 -17.20 13.40 -35.59
CA VAL B 248 -17.41 14.81 -35.87
C VAL B 248 -16.81 15.10 -37.24
N ILE B 249 -17.66 15.32 -38.25
CA ILE B 249 -17.19 15.35 -39.62
C ILE B 249 -16.69 16.72 -40.05
N ASN B 250 -17.05 17.79 -39.34
CA ASN B 250 -16.46 19.10 -39.56
C ASN B 250 -15.20 19.34 -38.74
N PHE B 251 -14.76 18.33 -37.98
CA PHE B 251 -13.58 18.46 -37.13
C PHE B 251 -12.31 18.33 -37.97
N ASP B 252 -11.49 19.38 -37.96
CA ASP B 252 -10.23 19.39 -38.71
C ASP B 252 -9.15 18.74 -37.86
N TYR B 253 -8.97 17.43 -38.05
CA TYR B 253 -8.02 16.67 -37.24
C TYR B 253 -7.79 15.29 -37.84
N PRO B 254 -6.60 14.70 -37.69
CA PRO B 254 -6.37 13.36 -38.23
C PRO B 254 -7.35 12.30 -37.74
N ASN B 255 -7.95 12.49 -36.56
CA ASN B 255 -8.94 11.57 -36.04
C ASN B 255 -10.17 12.37 -35.62
N GLN B 256 -11.33 11.99 -36.13
CA GLN B 256 -12.56 12.75 -35.94
C GLN B 256 -13.53 12.05 -34.99
N GLU B 257 -13.12 10.96 -34.35
CA GLU B 257 -13.97 10.33 -33.34
C GLU B 257 -14.19 11.28 -32.18
N TYR B 258 -15.28 11.06 -31.45
CA TYR B 258 -15.72 12.06 -30.48
C TYR B 258 -14.69 12.27 -29.38
N ASP B 259 -14.09 11.19 -28.88
CA ASP B 259 -13.14 11.33 -27.78
C ASP B 259 -11.96 12.22 -28.17
N TYR B 260 -11.48 12.11 -29.41
CA TYR B 260 -10.42 12.99 -29.87
C TYR B 260 -10.91 14.43 -30.04
N PHE B 261 -12.14 14.60 -30.55
CA PHE B 261 -12.77 15.91 -30.55
C PHE B 261 -12.91 16.44 -29.13
N HIS B 262 -13.29 15.57 -28.19
CA HIS B 262 -13.33 15.93 -26.78
C HIS B 262 -11.93 16.26 -26.26
N MET B 263 -10.97 15.37 -26.51
CA MET B 263 -9.60 15.61 -26.10
C MET B 263 -9.06 16.90 -26.69
N TYR B 264 -9.41 17.18 -27.96
CA TYR B 264 -8.90 18.38 -28.62
C TYR B 264 -9.25 19.64 -27.84
N PHE B 265 -10.49 19.72 -27.35
CA PHE B 265 -10.92 20.93 -26.67
C PHE B 265 -10.36 21.05 -25.26
N MET B 266 -9.98 19.93 -24.64
CA MET B 266 -9.26 20.02 -23.37
C MET B 266 -7.83 20.48 -23.59
N LEU B 267 -7.14 19.91 -24.59
CA LEU B 267 -5.71 20.17 -24.76
C LEU B 267 -5.44 21.62 -25.14
N ARG B 268 -6.40 22.31 -25.75
CA ARG B 268 -6.16 23.70 -26.16
C ARG B 268 -6.13 24.66 -24.97
N THR B 269 -6.49 24.20 -23.78
CA THR B 269 -6.35 25.00 -22.58
C THR B 269 -4.96 24.86 -21.95
N VAL B 270 -4.10 24.01 -22.52
CA VAL B 270 -2.80 23.70 -21.97
C VAL B 270 -1.77 24.69 -22.49
N TYR B 271 -0.91 25.17 -21.60
CA TYR B 271 0.14 26.11 -21.94
C TYR B 271 1.33 25.39 -22.58
N CYS B 272 2.03 26.10 -23.45
CA CYS B 272 3.20 25.56 -24.13
C CYS B 272 4.31 26.60 -24.19
N ASN B 273 5.54 26.14 -23.95
CA ASN B 273 6.70 26.98 -24.21
C ASN B 273 6.91 27.14 -25.71
N LYS B 274 6.84 26.04 -26.45
CA LYS B 274 7.03 26.09 -27.89
C LYS B 274 5.85 26.79 -28.57
N THR B 275 6.15 27.61 -29.57
CA THR B 275 5.15 28.31 -30.35
C THR B 275 4.86 27.51 -31.62
N PHE B 276 3.60 27.52 -32.04
CA PHE B 276 3.15 26.71 -33.17
C PHE B 276 2.45 27.59 -34.18
N PRO B 277 2.53 27.21 -35.47
CA PRO B 277 1.89 28.04 -36.50
C PRO B 277 0.37 28.11 -36.37
N THR B 278 -0.27 27.07 -35.83
CA THR B 278 -1.71 27.04 -35.73
C THR B 278 -2.09 26.30 -34.45
N THR B 279 -3.31 26.59 -33.96
CA THR B 279 -3.83 25.85 -32.82
C THR B 279 -3.79 24.35 -33.08
N LYS B 280 -4.27 23.92 -34.25
CA LYS B 280 -4.31 22.50 -34.54
C LYS B 280 -2.91 21.88 -34.51
N ALA B 281 -1.87 22.64 -34.89
CA ALA B 281 -0.52 22.10 -34.84
C ALA B 281 -0.04 21.92 -33.41
N LYS B 282 -0.46 22.82 -32.51
CA LYS B 282 -0.14 22.64 -31.09
C LYS B 282 -0.80 21.39 -30.54
N ILE B 283 -2.11 21.24 -30.75
CA ILE B 283 -2.83 20.10 -30.22
C ILE B 283 -2.24 18.80 -30.78
N LEU B 284 -1.92 18.80 -32.07
CA LEU B 284 -1.34 17.60 -32.68
C LEU B 284 -0.01 17.25 -32.04
N PHE B 285 0.80 18.27 -31.71
CA PHE B 285 2.06 18.02 -31.03
C PHE B 285 1.83 17.44 -29.64
N LEU B 286 0.95 18.06 -28.86
CA LEU B 286 0.67 17.58 -27.51
C LEU B 286 0.15 16.15 -27.53
N GLN B 287 -0.80 15.86 -28.43
CA GLN B 287 -1.36 14.51 -28.47
C GLN B 287 -0.28 13.48 -28.79
N GLN B 288 0.64 13.83 -29.70
CA GLN B 288 1.72 12.91 -30.01
C GLN B 288 2.68 12.77 -28.83
N SER B 289 2.93 13.87 -28.12
CA SER B 289 3.78 13.80 -26.93
C SER B 289 3.15 12.94 -25.85
N ILE B 290 1.85 13.12 -25.62
CA ILE B 290 1.17 12.34 -24.59
C ILE B 290 1.14 10.87 -24.98
N PHE B 291 0.75 10.59 -26.22
CA PHE B 291 0.67 9.19 -26.66
C PHE B 291 2.05 8.53 -26.67
N ARG B 292 3.08 9.28 -27.08
CA ARG B 292 4.42 8.70 -27.14
C ARG B 292 4.92 8.32 -25.76
N PHE B 293 4.68 9.17 -24.76
CA PHE B 293 5.11 8.86 -23.40
C PHE B 293 4.37 7.63 -22.86
N LEU B 294 3.08 7.50 -23.19
CA LEU B 294 2.27 6.41 -22.69
C LEU B 294 2.41 5.14 -23.51
N ASN B 295 3.22 5.15 -24.57
CA ASN B 295 3.39 3.98 -25.44
C ASN B 295 2.05 3.60 -26.08
N ILE B 296 1.42 4.57 -26.72
CA ILE B 296 0.14 4.37 -27.40
C ILE B 296 0.35 4.67 -28.88
N PRO B 297 -0.02 3.77 -29.80
CA PRO B 297 0.12 4.01 -31.24
C PRO B 297 -0.64 5.26 -31.71
N UGR C . 12.54 -6.09 15.89
CA UGR C . 13.27 -5.08 16.73
C UGR C . 14.18 -5.72 17.78
O UGR C . 14.97 -6.62 17.41
CB UGR C . 12.27 -4.15 17.45
OXT UGR C . 14.17 -5.18 18.92
C10 UGR C . 12.36 1.39 9.35
C12 UGR C . 10.89 1.69 10.98
C13 UGR C . 10.02 2.42 10.13
C14 UGR C . 8.91 2.81 10.95
C15 UGR C . 7.83 3.66 10.52
C16 UGR C . 7.02 4.44 10.13
C17 UGR C . 6.11 5.44 9.68
C18 UGR C . 5.20 6.04 10.56
C20 UGR C . 4.35 7.42 8.92
C21 UGR C . 5.23 6.87 7.96
C22 UGR C . 6.12 5.87 8.37
C23 UGR C . 5.18 7.38 6.64
C24 UGR C . 4.30 8.36 6.30
C25 UGR C . 3.44 8.90 7.25
C26 UGR C . 3.46 8.44 8.54
C27 UGR C . 9.14 2.32 12.20
C29 UGR C . 10.95 1.04 13.41
C30 UGR C . 10.85 1.84 14.70
C32 UGR C . 11.11 0.74 15.75
C34 UGR C . 10.69 -0.56 15.03
C36 UGR C . 9.62 -1.31 15.79
C38 UGR C . 11.52 -3.25 16.49
C8 UGR C . 10.46 2.58 8.79
N11 UGR C . 12.07 1.17 10.63
N19 UGR C . 4.35 6.99 10.23
N28 UGR C . 10.33 1.65 12.24
N7 UGR C . 9.75 3.23 7.85
N9 UGR C . 11.65 2.05 8.44
O31 UGR C . 11.85 2.86 14.78
O33 UGR C . 12.48 0.71 16.13
O35 UGR C . 10.29 -0.18 13.70
S37 UGR C . 10.32 -2.13 17.25
N UGR D . -4.95 7.78 -9.99
CA UGR D . -4.08 6.55 -9.86
C UGR D . -3.17 6.46 -11.09
O UGR D . -2.73 7.53 -11.56
CB UGR D . -4.93 5.27 -9.75
OXT UGR D . -2.97 5.31 -11.57
C10 UGR D . -4.45 5.99 0.34
C12 UGR D . -5.94 4.88 -0.88
C13 UGR D . -6.89 4.94 0.16
C14 UGR D . -8.06 4.25 -0.34
C15 UGR D . -9.25 4.05 0.43
C16 UGR D . -10.17 3.90 1.18
C17 UGR D . -11.19 3.71 2.17
C18 UGR D . -11.16 4.39 3.39
C20 UGR D . -12.99 3.26 4.19
C21 UGR D . -13.12 2.52 2.99
C22 UGR D . -12.18 2.78 1.98
C23 UGR D . -14.13 1.55 2.90
C24 UGR D . -14.98 1.32 3.94
C25 UGR D . -14.86 2.04 5.12
C26 UGR D . -13.89 2.99 5.25
C27 UGR D . -7.77 3.83 -1.61
C29 UGR D . -5.80 3.95 -3.22
C30 UGR D . -5.53 2.50 -3.55
C32 UGR D . -5.35 2.54 -5.08
C34 UGR D . -6.09 3.83 -5.49
C36 UGR D . -7.17 3.65 -6.53
C38 UGR D . -5.41 4.94 -8.35
C8 UGR D . -6.49 5.60 1.35
N11 UGR D . -4.71 5.39 -0.83
N19 UGR D . -12.00 4.18 4.38
N28 UGR D . -6.48 4.20 -1.94
N7 UGR D . -7.27 5.76 2.43
N9 UGR D . -5.24 6.11 1.40
O31 UGR D . -4.33 2.04 -2.91
O33 UGR D . -3.97 2.61 -5.45
O35 UGR D . -6.61 4.41 -4.28
S37 UGR D . -6.55 3.54 -8.24
#